data_6OJL
#
_entry.id   6OJL
#
_cell.length_a   58.510
_cell.length_b   96.080
_cell.length_c   127.090
_cell.angle_alpha   90.00
_cell.angle_beta   90.00
_cell.angle_gamma   90.00
#
_symmetry.space_group_name_H-M   'P 21 21 21'
#
loop_
_entity.id
_entity.type
_entity.pdbx_description
1 polymer 'Periplasmic pectate lyase'
2 branched 'alpha-D-galactopyranuronic acid-(1-4)-alpha-D-galactopyranuronic acid-(1-4)-alpha-D-galactopyranuronic acid-(1-4)-alpha-D-galactopyranuronic acid-(1-4)-beta-D-galactopyranuronic acid'
3 non-polymer 1,2-ETHANEDIOL
4 water water
#
_entity_poly.entity_id   1
_entity_poly.type   'polypeptide(L)'
_entity_poly.pdbx_seq_one_letter_code
;MGSSHHHHHHSSGLVPRGSHMASADTDRLTVVKQYVDNVLNKASDTYHGDKPSPLLADGVDPRTGQQLEWIFPDGRRAVL
SNFSAQQNLMRVMSGLSQLSGDPRYQKRAEDIVRYHFQNYQDPSGLLYWGGHRFVDLKTLQPEGPSEKERVHELKNAYPY
YDLMFSVDSDATARFIRGFWNAHVYDWRILETSKHGEYGKPMGALWESKFEQQPPFFATKGLSFLNAGNDLIYSASLLYQ
HQQDQGALTWAKRLADQYVLPRDAKTGLGVYQFTQALKREEPTDDADTHSKFGDRAQRQFGPEFGPAALEGNMMLKGRTS
TLYSENALMQLQLGKDLGPQGQDLLKWTVDGLKAFAKYAYNDQDNTFRPMIANGQDLSNYTLPRDGYYGKKGTVLKPYKA
GNEFLISYARAYAIDNDPLLWKVARGIANDQGLGDIGTAPGKEVKVNMDTTNSDPYALFALLDLYHASQVADYRKLAEKI
GDNIIKTRYIDGFFMASPDRQYADVDAIEPYALLALEASLRNKPQAVAPFLNGAGFTEGAYRMDDGSARVSTRDNELFLL
NVGEKLQPNGRK
;
_entity_poly.pdbx_strand_id   A
#
loop_
_chem_comp.id
_chem_comp.type
_chem_comp.name
_chem_comp.formula
ADA D-saccharide, alpha linking 'alpha-D-galactopyranuronic acid' 'C6 H10 O7'
EDO non-polymer 1,2-ETHANEDIOL 'C2 H6 O2'
GTR D-saccharide, beta linking 'beta-D-galactopyranuronic acid' 'C6 H10 O7'
#
# COMPACT_ATOMS: atom_id res chain seq x y z
N ASP A 27 -15.48 -11.85 -22.13
CA ASP A 27 -14.88 -12.93 -21.34
C ASP A 27 -13.69 -12.41 -20.53
N ARG A 28 -13.77 -12.52 -19.20
CA ARG A 28 -12.86 -11.81 -18.32
C ARG A 28 -11.41 -12.22 -18.55
N LEU A 29 -11.17 -13.53 -18.66
CA LEU A 29 -9.78 -13.96 -18.81
C LEU A 29 -9.20 -13.48 -20.13
N THR A 30 -10.01 -13.50 -21.20
CA THR A 30 -9.56 -13.00 -22.49
C THR A 30 -9.23 -11.51 -22.41
N VAL A 31 -10.06 -10.74 -21.70
CA VAL A 31 -9.79 -9.31 -21.52
C VAL A 31 -8.45 -9.10 -20.83
N VAL A 32 -8.22 -9.82 -19.72
CA VAL A 32 -6.98 -9.62 -18.99
C VAL A 32 -5.78 -10.03 -19.84
N LYS A 33 -5.91 -11.10 -20.64
CA LYS A 33 -4.81 -11.52 -21.50
C LYS A 33 -4.51 -10.44 -22.53
N GLN A 34 -5.56 -9.90 -23.15
CA GLN A 34 -5.39 -8.80 -24.10
C GLN A 34 -4.74 -7.59 -23.44
N TYR A 35 -5.17 -7.25 -22.23
CA TYR A 35 -4.58 -6.13 -21.50
C TYR A 35 -3.10 -6.34 -21.27
N VAL A 36 -2.69 -7.53 -20.79
CA VAL A 36 -1.28 -7.72 -20.50
C VAL A 36 -0.49 -7.73 -21.80
N ASP A 37 -1.05 -8.30 -22.87
CA ASP A 37 -0.40 -8.18 -24.18
C ASP A 37 -0.20 -6.73 -24.56
N ASN A 38 -1.20 -5.88 -24.28
CA ASN A 38 -1.08 -4.46 -24.60
CA ASN A 38 -1.08 -4.46 -24.61
C ASN A 38 0.02 -3.79 -23.77
N VAL A 39 0.09 -4.13 -22.49
CA VAL A 39 1.16 -3.59 -21.64
C VAL A 39 2.52 -3.99 -22.19
N LEU A 40 2.68 -5.27 -22.54
CA LEU A 40 3.98 -5.72 -23.01
C LEU A 40 4.32 -5.13 -24.38
N ASN A 41 3.33 -4.70 -25.15
CA ASN A 41 3.63 -3.96 -26.37
C ASN A 41 3.95 -2.51 -26.06
N LYS A 42 3.00 -1.79 -25.48
CA LYS A 42 3.07 -0.33 -25.42
C LYS A 42 3.96 0.20 -24.30
N ALA A 43 4.15 -0.55 -23.23
CA ALA A 43 4.98 -0.13 -22.10
C ALA A 43 6.40 -0.65 -22.18
N SER A 44 6.77 -1.30 -23.28
CA SER A 44 8.07 -1.94 -23.33
C SER A 44 9.18 -0.98 -23.74
N ASP A 45 10.41 -1.46 -23.62
CA ASP A 45 11.63 -0.73 -23.93
C ASP A 45 11.73 -0.58 -25.45
N THR A 46 11.44 0.62 -25.95
CA THR A 46 11.52 0.92 -27.38
C THR A 46 12.73 1.77 -27.73
N TYR A 47 13.71 1.84 -26.83
CA TYR A 47 14.81 2.81 -26.94
C TYR A 47 16.14 2.16 -27.26
N HIS A 48 16.18 0.85 -27.49
CA HIS A 48 17.44 0.15 -27.70
C HIS A 48 17.35 -0.77 -28.91
N GLY A 49 16.61 -0.33 -29.93
CA GLY A 49 16.57 -1.06 -31.18
C GLY A 49 16.00 -2.45 -30.98
N ASP A 50 16.65 -3.44 -31.56
CA ASP A 50 16.20 -4.82 -31.47
C ASP A 50 16.85 -5.56 -30.30
N LYS A 51 17.48 -4.83 -29.37
CA LYS A 51 18.02 -5.41 -28.13
C LYS A 51 17.39 -4.73 -26.92
N PRO A 52 16.07 -4.85 -26.74
CA PRO A 52 15.41 -4.21 -25.60
C PRO A 52 15.71 -4.92 -24.29
N SER A 53 15.76 -4.14 -23.22
CA SER A 53 15.67 -4.70 -21.88
C SER A 53 14.25 -5.23 -21.67
N PRO A 54 14.02 -6.03 -20.64
CA PRO A 54 12.66 -6.49 -20.36
C PRO A 54 11.81 -5.52 -19.54
N LEU A 55 12.36 -4.36 -19.17
CA LEU A 55 11.69 -3.47 -18.24
C LEU A 55 10.50 -2.75 -18.89
N LEU A 56 9.61 -2.23 -18.04
CA LEU A 56 8.38 -1.60 -18.47
C LEU A 56 8.26 -0.18 -17.94
N ALA A 57 7.59 0.67 -18.73
CA ALA A 57 7.18 1.99 -18.25
C ALA A 57 5.98 1.89 -17.31
N ASP A 58 6.01 2.68 -16.23
CA ASP A 58 4.90 2.69 -15.26
C ASP A 58 3.60 3.18 -15.89
N GLY A 59 3.68 4.16 -16.76
CA GLY A 59 2.49 4.82 -17.28
C GLY A 59 2.51 4.91 -18.79
N VAL A 60 1.33 4.75 -19.39
CA VAL A 60 1.17 4.82 -20.85
C VAL A 60 -0.10 5.58 -21.15
N ASP A 61 -0.01 6.61 -21.99
CA ASP A 61 -1.22 7.20 -22.56
C ASP A 61 -1.82 6.17 -23.50
N PRO A 62 -2.97 5.57 -23.19
CA PRO A 62 -3.48 4.49 -24.03
C PRO A 62 -3.93 4.95 -25.40
N ARG A 63 -4.12 6.26 -25.58
CA ARG A 63 -4.51 6.77 -26.90
C ARG A 63 -3.36 6.74 -27.89
N THR A 64 -2.17 7.15 -27.44
CA THR A 64 -1.02 7.33 -28.33
C THR A 64 0.13 6.37 -28.09
N GLY A 65 0.19 5.71 -26.92
CA GLY A 65 1.36 4.95 -26.56
C GLY A 65 2.48 5.73 -25.90
N GLN A 66 2.29 7.04 -25.69
CA GLN A 66 3.32 7.84 -25.04
C GLN A 66 3.53 7.35 -23.61
N GLN A 67 4.79 7.06 -23.28
CA GLN A 67 5.13 6.62 -21.94
C GLN A 67 5.37 7.80 -21.01
N LEU A 68 4.99 7.62 -19.74
CA LEU A 68 5.03 8.69 -18.76
C LEU A 68 6.47 9.03 -18.37
N GLU A 69 6.78 10.33 -18.37
N GLU A 69 6.77 10.34 -18.35
CA GLU A 69 8.16 10.77 -18.16
CA GLU A 69 8.13 10.82 -18.16
C GLU A 69 8.28 11.63 -16.91
C GLU A 69 8.26 11.61 -16.87
N TRP A 70 9.46 11.57 -16.29
CA TRP A 70 9.84 12.48 -15.22
C TRP A 70 10.73 13.55 -15.83
N ILE A 71 10.52 14.80 -15.46
CA ILE A 71 11.29 15.91 -16.03
C ILE A 71 12.25 16.44 -14.97
N PHE A 72 13.54 16.32 -15.25
CA PHE A 72 14.61 16.71 -14.34
C PHE A 72 14.92 18.20 -14.49
N PRO A 73 15.70 18.79 -13.57
CA PRO A 73 15.81 20.27 -13.56
C PRO A 73 16.33 20.87 -14.85
N ASP A 74 17.26 20.21 -15.54
CA ASP A 74 17.77 20.73 -16.80
C ASP A 74 16.85 20.43 -17.98
N GLY A 75 15.68 19.87 -17.73
CA GLY A 75 14.76 19.57 -18.80
C GLY A 75 14.90 18.19 -19.41
N ARG A 76 15.88 17.41 -18.95
CA ARG A 76 16.01 16.05 -19.47
C ARG A 76 14.82 15.21 -19.03
N ARG A 77 14.26 14.47 -19.97
CA ARG A 77 13.11 13.61 -19.73
C ARG A 77 13.57 12.17 -19.57
N ALA A 78 13.19 11.54 -18.47
CA ALA A 78 13.40 10.11 -18.25
C ALA A 78 12.06 9.42 -18.31
N VAL A 79 12.02 8.21 -18.87
CA VAL A 79 10.80 7.39 -18.82
C VAL A 79 10.78 6.64 -17.49
N LEU A 80 9.71 6.82 -16.73
CA LEU A 80 9.63 6.31 -15.37
C LEU A 80 9.44 4.79 -15.39
N SER A 81 10.43 4.06 -14.88
CA SER A 81 10.32 2.60 -14.71
C SER A 81 10.70 2.31 -13.25
N ASN A 82 9.70 2.28 -12.37
CA ASN A 82 9.91 2.08 -10.94
C ASN A 82 9.34 0.71 -10.57
N PHE A 83 10.23 -0.26 -10.35
CA PHE A 83 9.77 -1.62 -10.16
C PHE A 83 8.89 -1.77 -8.93
N SER A 84 9.06 -0.93 -7.91
CA SER A 84 8.17 -0.98 -6.75
C SER A 84 6.74 -0.59 -7.10
N ALA A 85 6.55 0.08 -8.23
CA ALA A 85 5.22 0.50 -8.69
C ALA A 85 4.68 -0.43 -9.76
N GLN A 86 5.17 -1.68 -9.80
CA GLN A 86 4.75 -2.68 -10.77
C GLN A 86 4.46 -4.02 -10.12
N GLN A 87 4.33 -4.07 -8.79
CA GLN A 87 4.21 -5.36 -8.12
C GLN A 87 2.78 -5.88 -8.10
N ASN A 88 1.77 -5.05 -8.40
CA ASN A 88 0.47 -5.61 -8.75
C ASN A 88 0.51 -6.20 -10.15
N LEU A 89 1.15 -5.51 -11.09
CA LEU A 89 1.30 -6.08 -12.43
C LEU A 89 2.02 -7.42 -12.39
N MET A 90 3.07 -7.54 -11.56
CA MET A 90 3.77 -8.82 -11.50
C MET A 90 2.84 -9.91 -11.03
N ARG A 91 2.00 -9.61 -10.03
CA ARG A 91 1.03 -10.60 -9.55
C ARG A 91 -0.01 -10.92 -10.62
N VAL A 92 -0.42 -9.91 -11.40
CA VAL A 92 -1.33 -10.12 -12.51
C VAL A 92 -0.74 -11.07 -13.54
N MET A 93 0.54 -10.86 -13.88
CA MET A 93 1.17 -11.69 -14.90
C MET A 93 1.30 -13.13 -14.42
N SER A 94 1.73 -13.33 -13.16
CA SER A 94 1.80 -14.69 -12.62
CA SER A 94 1.80 -14.68 -12.62
C SER A 94 0.42 -15.35 -12.60
N GLY A 95 -0.60 -14.61 -12.16
CA GLY A 95 -1.94 -15.16 -12.10
C GLY A 95 -2.49 -15.48 -13.48
N LEU A 96 -2.25 -14.60 -14.46
CA LEU A 96 -2.68 -14.85 -15.84
C LEU A 96 -2.07 -16.13 -16.40
N SER A 97 -0.78 -16.34 -16.16
CA SER A 97 -0.16 -17.58 -16.63
C SER A 97 -0.78 -18.80 -15.93
N GLN A 98 -1.03 -18.71 -14.62
CA GLN A 98 -1.65 -19.85 -13.92
C GLN A 98 -3.01 -20.18 -14.51
N LEU A 99 -3.86 -19.16 -14.70
CA LEU A 99 -5.23 -19.43 -15.13
C LEU A 99 -5.34 -19.73 -16.61
N SER A 100 -4.50 -19.12 -17.45
CA SER A 100 -4.57 -19.36 -18.89
C SER A 100 -3.75 -20.56 -19.34
N GLY A 101 -2.78 -20.98 -18.54
CA GLY A 101 -1.86 -22.02 -18.97
C GLY A 101 -0.80 -21.54 -19.95
N ASP A 102 -0.74 -20.25 -20.25
CA ASP A 102 0.26 -19.69 -21.15
C ASP A 102 1.41 -19.16 -20.31
N PRO A 103 2.57 -19.79 -20.32
CA PRO A 103 3.66 -19.40 -19.42
C PRO A 103 4.39 -18.13 -19.82
N ARG A 104 4.01 -17.46 -20.91
CA ARG A 104 4.84 -16.34 -21.38
C ARG A 104 4.80 -15.17 -20.39
N TYR A 105 3.72 -15.00 -19.65
CA TYR A 105 3.59 -13.86 -18.75
C TYR A 105 4.41 -14.08 -17.49
N GLN A 106 4.34 -15.28 -16.92
CA GLN A 106 5.23 -15.64 -15.82
C GLN A 106 6.68 -15.50 -16.23
N LYS A 107 7.03 -15.94 -17.45
CA LYS A 107 8.41 -15.85 -17.90
C LYS A 107 8.88 -14.41 -17.97
N ARG A 108 8.04 -13.52 -18.49
CA ARG A 108 8.44 -12.12 -18.57
C ARG A 108 8.58 -11.49 -17.20
N ALA A 109 7.66 -11.80 -16.28
CA ALA A 109 7.81 -11.29 -14.91
C ALA A 109 9.11 -11.77 -14.29
N GLU A 110 9.45 -13.04 -14.48
CA GLU A 110 10.73 -13.57 -14.01
C GLU A 110 11.90 -12.84 -14.63
N ASP A 111 11.84 -12.59 -15.95
CA ASP A 111 12.93 -11.90 -16.63
C ASP A 111 13.13 -10.48 -16.09
N ILE A 112 12.03 -9.79 -15.77
CA ILE A 112 12.15 -8.44 -15.22
C ILE A 112 12.81 -8.49 -13.84
N VAL A 113 12.38 -9.44 -12.99
CA VAL A 113 13.03 -9.60 -11.69
C VAL A 113 14.52 -9.86 -11.87
N ARG A 114 14.87 -10.81 -12.74
CA ARG A 114 16.27 -11.17 -12.94
C ARG A 114 17.08 -9.96 -13.37
N TYR A 115 16.52 -9.12 -14.24
CA TYR A 115 17.24 -7.97 -14.74
C TYR A 115 17.51 -6.97 -13.62
N HIS A 116 16.58 -6.83 -12.67
CA HIS A 116 16.80 -5.90 -11.57
C HIS A 116 17.86 -6.43 -10.61
N PHE A 117 17.87 -7.73 -10.34
CA PHE A 117 18.95 -8.25 -9.49
C PHE A 117 20.29 -8.14 -10.20
N GLN A 118 20.30 -8.28 -11.53
CA GLN A 118 21.54 -8.26 -12.28
C GLN A 118 22.13 -6.86 -12.36
N ASN A 119 21.28 -5.84 -12.52
CA ASN A 119 21.75 -4.50 -12.85
C ASN A 119 21.38 -3.41 -11.84
N TYR A 120 20.38 -3.63 -10.99
CA TYR A 120 19.81 -2.54 -10.19
C TYR A 120 19.75 -2.90 -8.71
N GLN A 121 20.65 -3.76 -8.25
CA GLN A 121 20.78 -4.12 -6.85
C GLN A 121 22.19 -3.77 -6.39
N ASP A 122 22.30 -2.87 -5.42
CA ASP A 122 23.63 -2.43 -5.02
C ASP A 122 24.26 -3.48 -4.12
N PRO A 123 25.54 -3.34 -3.77
CA PRO A 123 26.19 -4.40 -2.98
C PRO A 123 25.58 -4.64 -1.62
N SER A 124 24.89 -3.65 -1.03
CA SER A 124 24.22 -3.84 0.24
C SER A 124 22.93 -4.63 0.11
N GLY A 125 22.47 -4.86 -1.12
CA GLY A 125 21.25 -5.61 -1.34
C GLY A 125 20.05 -4.78 -1.74
N LEU A 126 20.10 -3.47 -1.55
CA LEU A 126 18.94 -2.65 -1.87
C LEU A 126 18.76 -2.48 -3.38
N LEU A 127 17.51 -2.36 -3.82
CA LEU A 127 17.20 -2.14 -5.22
C LEU A 127 17.04 -0.65 -5.50
N TYR A 128 17.30 -0.27 -6.75
CA TYR A 128 17.04 1.10 -7.21
C TYR A 128 15.56 1.18 -7.61
N TRP A 129 14.74 1.34 -6.58
CA TRP A 129 13.29 1.42 -6.69
C TRP A 129 12.80 2.21 -5.50
N GLY A 130 11.48 2.35 -5.38
CA GLY A 130 10.90 2.96 -4.21
C GLY A 130 10.59 4.43 -4.42
N GLY A 131 10.36 5.10 -3.30
CA GLY A 131 9.85 6.46 -3.32
C GLY A 131 10.78 7.45 -3.97
N HIS A 132 12.09 7.18 -3.97
CA HIS A 132 13.03 8.19 -4.42
C HIS A 132 14.07 7.66 -5.40
N ARG A 133 13.90 6.46 -5.94
CA ARG A 133 14.79 5.93 -6.97
C ARG A 133 13.98 5.16 -7.99
N PHE A 134 14.40 5.23 -9.25
CA PHE A 134 13.79 4.45 -10.31
C PHE A 134 14.80 4.27 -11.43
N VAL A 135 14.38 3.59 -12.49
CA VAL A 135 15.22 3.36 -13.67
C VAL A 135 14.65 4.14 -14.83
N ASP A 136 15.51 4.86 -15.55
CA ASP A 136 15.11 5.54 -16.78
C ASP A 136 15.07 4.51 -17.90
N LEU A 137 13.89 4.26 -18.47
CA LEU A 137 13.83 3.23 -19.51
C LEU A 137 14.62 3.62 -20.75
N LYS A 138 14.86 4.91 -20.97
CA LYS A 138 15.61 5.35 -22.15
C LYS A 138 17.09 5.05 -22.01
N THR A 139 17.69 5.43 -20.88
CA THR A 139 19.12 5.22 -20.69
C THR A 139 19.44 3.98 -19.88
N LEU A 140 18.44 3.36 -19.26
CA LEU A 140 18.62 2.19 -18.39
C LEU A 140 19.53 2.50 -17.19
N GLN A 141 19.69 3.78 -16.85
CA GLN A 141 20.43 4.20 -15.66
C GLN A 141 19.49 4.38 -14.47
N PRO A 142 19.94 4.07 -13.26
CA PRO A 142 19.17 4.45 -12.08
C PRO A 142 19.16 5.97 -11.95
N GLU A 143 18.00 6.49 -11.52
CA GLU A 143 17.77 7.92 -11.33
C GLU A 143 17.45 8.20 -9.87
N GLY A 144 17.60 9.47 -9.50
CA GLY A 144 17.21 9.96 -8.19
C GLY A 144 16.52 11.33 -8.25
N PRO A 145 15.18 11.34 -8.30
CA PRO A 145 14.45 12.60 -8.55
C PRO A 145 14.40 13.58 -7.37
N SER A 146 14.79 13.15 -6.17
CA SER A 146 14.80 14.01 -4.98
C SER A 146 16.24 14.12 -4.52
N GLU A 147 16.93 15.20 -4.95
CA GLU A 147 18.38 15.26 -4.80
C GLU A 147 18.80 15.31 -3.33
N LYS A 148 17.95 15.81 -2.44
CA LYS A 148 18.23 15.75 -1.02
C LYS A 148 17.78 14.44 -0.40
N GLU A 149 17.59 13.38 -1.19
CA GLU A 149 16.92 12.18 -0.73
C GLU A 149 17.20 11.03 -1.70
N ARG A 150 18.48 10.77 -1.97
CA ARG A 150 18.84 9.67 -2.87
C ARG A 150 18.95 8.40 -2.03
N VAL A 151 17.78 7.95 -1.58
CA VAL A 151 17.67 6.94 -0.54
C VAL A 151 16.62 5.90 -0.95
N HIS A 152 16.61 4.80 -0.20
CA HIS A 152 15.68 3.69 -0.41
C HIS A 152 14.45 3.90 0.48
N GLU A 153 13.25 3.81 -0.12
CA GLU A 153 12.02 4.09 0.64
C GLU A 153 10.88 3.22 0.10
N LEU A 154 10.30 2.39 0.97
CA LEU A 154 9.09 1.63 0.66
C LEU A 154 8.01 1.96 1.69
N LYS A 155 6.83 2.36 1.20
CA LYS A 155 5.71 2.71 2.07
C LYS A 155 4.46 2.03 1.52
N ASN A 156 3.93 1.06 2.27
CA ASN A 156 2.76 0.30 1.82
C ASN A 156 2.97 -0.28 0.42
N ALA A 157 4.18 -0.77 0.16
CA ALA A 157 4.55 -1.26 -1.16
C ALA A 157 4.17 -2.71 -1.38
N TYR A 158 4.46 -3.56 -0.39
CA TYR A 158 4.25 -5.00 -0.44
C TYR A 158 4.69 -5.63 -1.78
N PRO A 159 5.99 -5.63 -2.07
CA PRO A 159 6.48 -6.27 -3.31
C PRO A 159 6.15 -7.76 -3.33
N TYR A 160 6.14 -8.31 -4.55
CA TYR A 160 5.81 -9.72 -4.77
C TYR A 160 7.05 -10.59 -4.52
N TYR A 161 7.41 -10.71 -3.24
CA TYR A 161 8.61 -11.46 -2.89
C TYR A 161 8.50 -12.92 -3.26
N ASP A 162 7.29 -13.49 -3.30
N ASP A 162 7.30 -13.48 -3.31
CA ASP A 162 7.16 -14.89 -3.68
CA ASP A 162 7.16 -14.89 -3.68
C ASP A 162 7.77 -15.12 -5.05
C ASP A 162 7.73 -15.14 -5.07
N LEU A 163 7.45 -14.23 -6.00
CA LEU A 163 8.05 -14.32 -7.34
C LEU A 163 9.55 -14.15 -7.28
N MET A 164 10.01 -13.13 -6.54
CA MET A 164 11.45 -12.85 -6.48
C MET A 164 12.22 -14.05 -5.92
N PHE A 165 11.71 -14.70 -4.86
CA PHE A 165 12.41 -15.86 -4.30
C PHE A 165 12.53 -16.99 -5.31
N SER A 166 11.51 -17.18 -6.14
CA SER A 166 11.54 -18.27 -7.12
C SER A 166 12.53 -18.00 -8.24
N VAL A 167 12.85 -16.73 -8.48
CA VAL A 167 13.85 -16.36 -9.49
C VAL A 167 15.26 -16.45 -8.93
N ASP A 168 15.49 -15.86 -7.75
CA ASP A 168 16.83 -15.81 -7.17
C ASP A 168 16.65 -15.65 -5.66
N SER A 169 16.73 -16.77 -4.93
CA SER A 169 16.44 -16.70 -3.50
C SER A 169 17.54 -15.95 -2.74
N ASP A 170 18.81 -16.09 -3.15
N ASP A 170 18.81 -16.16 -3.14
CA ASP A 170 19.86 -15.38 -2.44
CA ASP A 170 19.93 -15.41 -2.55
C ASP A 170 19.78 -13.88 -2.67
C ASP A 170 19.69 -13.92 -2.67
N ALA A 171 19.43 -13.45 -3.89
CA ALA A 171 19.34 -12.02 -4.14
C ALA A 171 18.14 -11.44 -3.41
N THR A 172 17.05 -12.19 -3.33
CA THR A 172 15.88 -11.71 -2.59
C THR A 172 16.18 -11.62 -1.10
N ALA A 173 16.82 -12.65 -0.55
CA ALA A 173 17.18 -12.59 0.86
C ALA A 173 18.16 -11.45 1.13
N ARG A 174 19.09 -11.20 0.21
CA ARG A 174 20.01 -10.07 0.37
C ARG A 174 19.25 -8.76 0.38
N PHE A 175 18.21 -8.64 -0.44
CA PHE A 175 17.42 -7.41 -0.39
C PHE A 175 16.75 -7.25 0.97
N ILE A 176 16.11 -8.31 1.46
CA ILE A 176 15.31 -8.17 2.68
C ILE A 176 16.20 -7.88 3.88
N ARG A 177 17.34 -8.60 3.99
CA ARG A 177 18.29 -8.28 5.06
C ARG A 177 18.86 -6.88 4.89
N GLY A 178 19.16 -6.46 3.67
CA GLY A 178 19.70 -5.13 3.45
C GLY A 178 18.71 -4.03 3.78
N PHE A 179 17.43 -4.27 3.50
CA PHE A 179 16.33 -3.37 3.86
C PHE A 179 16.30 -3.13 5.36
N TRP A 180 16.24 -4.21 6.15
CA TRP A 180 16.28 -4.06 7.59
C TRP A 180 17.58 -3.43 8.06
N ASN A 181 18.71 -3.83 7.47
CA ASN A 181 20.00 -3.28 7.90
C ASN A 181 20.03 -1.77 7.74
N ALA A 182 19.43 -1.24 6.67
CA ALA A 182 19.50 0.19 6.42
C ALA A 182 18.43 0.97 7.16
N HIS A 183 17.27 0.35 7.43
CA HIS A 183 16.13 1.10 7.96
C HIS A 183 15.98 0.95 9.47
N VAL A 184 16.69 0.02 10.11
CA VAL A 184 16.72 -0.03 11.56
C VAL A 184 17.93 0.79 12.02
N TYR A 185 17.65 1.94 12.63
CA TYR A 185 18.69 2.84 13.06
C TYR A 185 19.35 2.38 14.36
N ASP A 186 18.60 1.70 15.21
CA ASP A 186 19.10 1.26 16.51
C ASP A 186 18.35 -0.02 16.86
N TRP A 187 19.03 -1.16 16.73
CA TRP A 187 18.39 -2.44 16.99
C TRP A 187 18.09 -2.64 18.48
N ARG A 188 18.86 -1.99 19.37
CA ARG A 188 18.62 -2.19 20.79
C ARG A 188 17.20 -1.76 21.19
N ILE A 189 16.71 -0.67 20.60
CA ILE A 189 15.41 -0.12 20.93
C ILE A 189 14.41 -0.28 19.80
N LEU A 190 14.84 -0.82 18.66
CA LEU A 190 14.04 -0.94 17.44
C LEU A 190 13.56 0.44 16.96
N GLU A 191 14.51 1.39 16.94
CA GLU A 191 14.30 2.65 16.24
C GLU A 191 14.34 2.39 14.74
N THR A 192 13.22 2.59 14.07
CA THR A 192 13.10 2.36 12.63
C THR A 192 12.92 3.68 11.88
N SER A 193 13.07 3.59 10.57
CA SER A 193 13.03 4.76 9.70
C SER A 193 12.33 4.42 8.40
N LYS A 194 11.58 5.39 7.85
CA LYS A 194 10.94 5.16 6.57
C LYS A 194 11.92 5.19 5.40
N HIS A 195 13.17 5.63 5.60
CA HIS A 195 14.14 5.57 4.51
C HIS A 195 15.47 5.01 5.01
N GLY A 196 16.26 4.53 4.05
CA GLY A 196 17.56 3.94 4.35
C GLY A 196 18.56 4.30 3.29
N GLU A 197 19.84 4.34 3.69
CA GLU A 197 20.92 4.68 2.77
C GLU A 197 21.39 3.46 2.00
N TYR A 198 21.85 3.70 0.77
CA TYR A 198 22.54 2.70 -0.01
C TYR A 198 23.97 2.51 0.48
N GLY A 199 24.53 1.34 0.17
CA GLY A 199 25.96 1.11 0.38
C GLY A 199 26.40 0.88 1.80
N LYS A 200 25.51 0.48 2.68
CA LYS A 200 25.88 0.26 4.07
C LYS A 200 26.46 -1.13 4.25
N PRO A 201 27.51 -1.28 5.04
CA PRO A 201 27.95 -2.62 5.43
C PRO A 201 26.93 -3.27 6.36
N MET A 202 26.95 -4.60 6.38
CA MET A 202 26.02 -5.37 7.18
C MET A 202 26.43 -5.36 8.66
N GLY A 203 25.50 -4.99 9.53
CA GLY A 203 25.69 -5.04 10.97
C GLY A 203 25.25 -6.37 11.54
N ALA A 204 24.97 -6.37 12.85
CA ALA A 204 24.64 -7.61 13.56
C ALA A 204 23.25 -8.16 13.21
N LEU A 205 22.39 -7.35 12.60
CA LEU A 205 21.08 -7.78 12.08
C LEU A 205 20.32 -8.57 13.17
N TRP A 206 19.83 -9.78 12.87
CA TRP A 206 18.91 -10.45 13.79
C TRP A 206 19.58 -10.85 15.09
N GLU A 207 20.91 -10.89 15.13
N GLU A 207 20.91 -10.91 15.13
CA GLU A 207 21.64 -11.25 16.33
CA GLU A 207 21.61 -11.26 16.35
C GLU A 207 21.84 -10.07 17.28
C GLU A 207 21.70 -10.11 17.34
N SER A 208 21.29 -8.91 16.94
CA SER A 208 21.40 -7.73 17.81
C SER A 208 20.62 -7.94 19.10
N LYS A 209 21.17 -7.43 20.20
CA LYS A 209 20.46 -7.48 21.47
C LYS A 209 19.36 -6.43 21.50
N PHE A 210 18.23 -6.80 22.10
CA PHE A 210 17.05 -5.96 22.13
C PHE A 210 16.64 -5.68 23.57
N GLU A 211 16.25 -4.44 23.84
CA GLU A 211 15.69 -4.03 25.12
C GLU A 211 14.43 -3.22 24.88
N GLN A 212 13.27 -3.81 25.21
CA GLN A 212 11.99 -3.15 24.97
C GLN A 212 11.91 -1.81 25.70
N GLN A 213 11.49 -0.75 24.98
CA GLN A 213 11.36 0.59 25.53
C GLN A 213 9.90 0.93 25.77
N PRO A 214 9.62 1.90 26.64
CA PRO A 214 8.22 2.27 26.92
C PRO A 214 7.60 2.98 25.74
N PRO A 215 6.27 3.01 25.67
CA PRO A 215 5.59 3.60 24.50
C PRO A 215 6.02 5.04 24.23
N PHE A 216 6.17 5.35 22.95
CA PHE A 216 6.44 6.70 22.45
C PHE A 216 7.76 7.24 22.99
N PHE A 217 8.76 6.36 23.08
CA PHE A 217 10.11 6.85 23.31
C PHE A 217 10.56 7.72 22.13
N ALA A 218 11.48 8.63 22.43
CA ALA A 218 11.86 9.67 21.47
C ALA A 218 13.04 9.22 20.64
N THR A 219 12.91 9.35 19.31
CA THR A 219 13.95 8.91 18.38
C THR A 219 14.03 9.87 17.20
N LYS A 220 15.18 9.84 16.53
CA LYS A 220 15.34 10.55 15.26
C LYS A 220 14.56 9.88 14.14
N GLY A 221 14.67 8.56 14.02
CA GLY A 221 13.97 7.86 12.97
C GLY A 221 12.46 7.95 13.14
N LEU A 222 11.75 8.06 12.03
CA LEU A 222 10.29 8.15 12.02
C LEU A 222 9.69 6.76 11.77
N SER A 223 9.02 6.21 12.78
CA SER A 223 8.53 4.83 12.76
C SER A 223 7.15 4.70 12.14
N PHE A 224 6.86 5.48 11.09
CA PHE A 224 5.58 5.40 10.39
C PHE A 224 5.25 3.95 10.01
N LEU A 225 3.98 3.59 10.18
CA LEU A 225 3.55 2.22 9.91
C LEU A 225 3.47 1.90 8.42
N ASN A 226 3.46 2.89 7.52
CA ASN A 226 3.50 2.53 6.10
C ASN A 226 4.81 1.83 5.75
N ALA A 227 5.95 2.36 6.22
CA ALA A 227 7.21 1.65 6.05
C ALA A 227 7.32 0.45 6.99
N GLY A 228 6.79 0.58 8.21
CA GLY A 228 6.79 -0.57 9.12
C GLY A 228 6.07 -1.77 8.52
N ASN A 229 4.97 -1.53 7.81
CA ASN A 229 4.28 -2.60 7.09
C ASN A 229 5.23 -3.36 6.17
N ASP A 230 6.06 -2.64 5.43
CA ASP A 230 6.97 -3.29 4.50
C ASP A 230 8.09 -4.03 5.22
N LEU A 231 8.56 -3.50 6.36
CA LEU A 231 9.56 -4.24 7.14
C LEU A 231 8.98 -5.55 7.66
N ILE A 232 7.80 -5.49 8.28
CA ILE A 232 7.18 -6.70 8.85
C ILE A 232 6.94 -7.73 7.75
N TYR A 233 6.33 -7.29 6.64
CA TYR A 233 5.98 -8.19 5.57
C TYR A 233 7.21 -8.86 4.97
N SER A 234 8.26 -8.07 4.67
CA SER A 234 9.44 -8.64 4.04
C SER A 234 10.12 -9.65 4.95
N ALA A 235 10.31 -9.31 6.22
CA ALA A 235 10.91 -10.29 7.13
C ALA A 235 10.06 -11.54 7.24
N SER A 236 8.72 -11.39 7.23
CA SER A 236 7.87 -12.57 7.33
C SER A 236 8.02 -13.45 6.10
N LEU A 237 8.27 -12.86 4.93
CA LEU A 237 8.45 -13.66 3.71
C LEU A 237 9.83 -14.31 3.68
N LEU A 238 10.85 -13.67 4.25
CA LEU A 238 12.14 -14.31 4.40
C LEU A 238 12.04 -15.52 5.31
N TYR A 239 11.27 -15.40 6.40
CA TYR A 239 10.99 -16.59 7.21
C TYR A 239 10.27 -17.66 6.38
N GLN A 240 9.21 -17.28 5.67
CA GLN A 240 8.42 -18.26 4.91
C GLN A 240 9.28 -19.03 3.93
N HIS A 241 10.19 -18.35 3.23
CA HIS A 241 10.92 -18.99 2.15
C HIS A 241 12.22 -19.64 2.59
N GLN A 242 12.95 -19.04 3.53
CA GLN A 242 14.27 -19.53 3.91
C GLN A 242 14.31 -20.11 5.31
N GLN A 243 13.18 -20.14 6.02
CA GLN A 243 13.10 -20.65 7.40
C GLN A 243 14.04 -19.89 8.33
N ASP A 244 14.17 -18.59 8.09
CA ASP A 244 15.03 -17.69 8.87
C ASP A 244 14.28 -17.33 10.15
N GLN A 245 14.64 -17.98 11.26
N GLN A 245 14.63 -17.99 11.26
CA GLN A 245 13.96 -17.74 12.52
CA GLN A 245 13.93 -17.72 12.51
C GLN A 245 14.26 -16.36 13.09
C GLN A 245 14.24 -16.33 13.05
N GLY A 246 15.43 -15.79 12.78
CA GLY A 246 15.74 -14.45 13.24
C GLY A 246 14.85 -13.42 12.58
N ALA A 247 14.62 -13.58 11.28
CA ALA A 247 13.70 -12.72 10.56
C ALA A 247 12.31 -12.77 11.19
N LEU A 248 11.82 -13.96 11.54
CA LEU A 248 10.48 -14.06 12.13
C LEU A 248 10.43 -13.41 13.50
N THR A 249 11.44 -13.64 14.33
CA THR A 249 11.48 -13.02 15.65
C THR A 249 11.35 -11.51 15.55
N TRP A 250 12.11 -10.90 14.65
CA TRP A 250 12.07 -9.44 14.54
C TRP A 250 10.81 -8.96 13.82
N ALA A 251 10.26 -9.74 12.89
CA ALA A 251 8.98 -9.35 12.29
C ALA A 251 7.90 -9.25 13.36
N LYS A 252 7.81 -10.26 14.22
CA LYS A 252 6.79 -10.26 15.27
C LYS A 252 7.06 -9.16 16.29
N ARG A 253 8.34 -8.94 16.61
CA ARG A 253 8.70 -7.90 17.57
C ARG A 253 8.35 -6.51 17.03
N LEU A 254 8.60 -6.26 15.74
CA LEU A 254 8.24 -4.98 15.17
C LEU A 254 6.72 -4.81 15.12
N ALA A 255 5.99 -5.85 14.73
CA ALA A 255 4.54 -5.78 14.80
C ALA A 255 4.09 -5.44 16.20
N ASP A 256 4.71 -6.07 17.21
CA ASP A 256 4.33 -5.80 18.59
C ASP A 256 4.61 -4.35 18.98
N GLN A 257 5.59 -3.70 18.34
CA GLN A 257 5.90 -2.30 18.69
C GLN A 257 4.70 -1.39 18.43
N TYR A 258 3.86 -1.74 17.47
CA TYR A 258 2.67 -0.96 17.16
C TYR A 258 1.48 -1.36 18.02
N VAL A 259 1.57 -2.45 18.78
CA VAL A 259 0.49 -2.89 19.64
C VAL A 259 0.67 -2.41 21.07
N LEU A 260 1.89 -2.48 21.58
CA LEU A 260 2.18 -2.04 22.94
C LEU A 260 1.75 -0.62 23.28
N PRO A 261 1.88 0.38 22.40
CA PRO A 261 1.44 1.75 22.75
C PRO A 261 -0.06 2.00 22.57
N ARG A 262 -0.85 1.02 22.14
CA ARG A 262 -2.26 1.26 21.95
C ARG A 262 -2.91 1.72 23.26
N ASP A 263 -3.90 2.61 23.13
CA ASP A 263 -4.53 3.18 24.30
C ASP A 263 -5.11 2.09 25.19
N ALA A 264 -4.79 2.16 26.48
CA ALA A 264 -5.19 1.10 27.41
C ALA A 264 -6.71 1.01 27.56
N LYS A 265 -7.43 2.12 27.37
CA LYS A 265 -8.88 2.11 27.53
C LYS A 265 -9.61 1.83 26.22
N THR A 266 -9.23 2.51 25.14
CA THR A 266 -9.96 2.39 23.88
C THR A 266 -9.44 1.28 22.97
N GLY A 267 -8.17 0.91 23.10
CA GLY A 267 -7.57 -0.02 22.16
C GLY A 267 -7.21 0.55 20.80
N LEU A 268 -7.37 1.86 20.60
CA LEU A 268 -7.08 2.50 19.33
C LEU A 268 -5.58 2.72 19.14
N GLY A 269 -5.19 2.95 17.88
CA GLY A 269 -3.80 3.26 17.53
C GLY A 269 -3.00 2.04 17.10
N VAL A 270 -1.74 2.20 16.66
CA VAL A 270 -1.05 3.49 16.51
C VAL A 270 -0.38 3.54 15.14
N TYR A 271 -0.15 4.76 14.63
CA TYR A 271 0.51 4.97 13.34
C TYR A 271 2.03 4.96 13.45
N GLN A 272 2.55 5.24 14.63
CA GLN A 272 3.97 5.08 14.91
C GLN A 272 4.11 4.86 16.40
N PHE A 273 5.25 4.30 16.80
CA PHE A 273 5.44 3.93 18.21
C PHE A 273 6.53 4.74 18.88
N THR A 274 7.17 5.64 18.16
CA THR A 274 8.11 6.60 18.72
C THR A 274 7.58 8.00 18.48
N GLN A 275 8.20 8.98 19.14
CA GLN A 275 7.95 10.37 18.83
C GLN A 275 9.26 11.05 18.45
N ALA A 276 9.13 12.13 17.68
CA ALA A 276 10.31 12.82 17.17
C ALA A 276 11.14 13.38 18.31
N LEU A 277 12.45 13.10 18.27
CA LEU A 277 13.37 13.66 19.24
C LEU A 277 13.48 15.17 19.02
N LYS A 278 13.14 15.95 20.04
CA LYS A 278 13.19 17.41 19.93
C LYS A 278 14.64 17.88 20.00
N ARG A 279 15.14 18.42 18.90
CA ARG A 279 16.51 18.91 18.80
C ARG A 279 16.62 20.42 18.85
N GLU A 280 15.56 21.14 18.48
CA GLU A 280 15.56 22.60 18.48
C GLU A 280 14.20 23.09 18.96
N GLU A 281 14.19 24.32 19.47
CA GLU A 281 12.93 24.97 19.84
C GLU A 281 12.26 25.54 18.59
N PRO A 282 10.99 25.24 18.36
CA PRO A 282 10.30 25.80 17.18
C PRO A 282 10.05 27.29 17.35
N THR A 283 10.07 27.99 16.21
CA THR A 283 9.73 29.40 16.17
C THR A 283 8.56 29.72 15.25
N ASP A 284 8.10 28.78 14.43
CA ASP A 284 7.05 29.05 13.46
C ASP A 284 6.15 27.81 13.33
N ASP A 285 4.84 28.02 13.55
CA ASP A 285 3.88 26.91 13.49
C ASP A 285 3.93 26.18 12.16
N ALA A 286 4.16 26.91 11.06
CA ALA A 286 4.09 26.31 9.73
C ALA A 286 5.36 25.56 9.34
N ASP A 287 6.43 25.68 10.13
CA ASP A 287 7.62 24.87 9.93
C ASP A 287 7.44 23.59 10.74
N THR A 288 7.14 22.49 10.06
CA THR A 288 6.80 21.24 10.71
C THR A 288 7.92 20.20 10.64
N HIS A 289 9.17 20.65 10.50
CA HIS A 289 10.30 19.72 10.56
C HIS A 289 10.26 18.93 11.85
N SER A 290 10.49 17.62 11.74
CA SER A 290 10.41 16.77 12.93
C SER A 290 11.48 17.10 13.96
N LYS A 291 12.54 17.83 13.59
CA LYS A 291 13.55 18.20 14.58
C LYS A 291 13.00 19.09 15.68
N PHE A 292 11.84 19.71 15.49
CA PHE A 292 11.24 20.54 16.54
C PHE A 292 10.36 19.76 17.50
N GLY A 293 10.29 18.44 17.37
CA GLY A 293 9.48 17.62 18.25
C GLY A 293 8.19 17.15 17.60
N ASP A 294 7.48 16.30 18.33
CA ASP A 294 6.25 15.69 17.82
C ASP A 294 5.29 16.75 17.27
N ARG A 295 4.86 16.55 16.02
CA ARG A 295 4.09 17.57 15.32
C ARG A 295 2.66 17.64 15.84
N ALA A 296 2.11 16.52 16.29
CA ALA A 296 0.77 16.57 16.87
C ALA A 296 0.78 17.28 18.22
N GLN A 297 1.84 17.09 19.01
CA GLN A 297 1.90 17.78 20.29
C GLN A 297 2.02 19.29 20.10
N ARG A 298 2.69 19.72 19.02
CA ARG A 298 2.74 21.16 18.73
C ARG A 298 1.37 21.69 18.35
N GLN A 299 0.65 21.01 17.45
CA GLN A 299 -0.57 21.58 16.91
C GLN A 299 -1.78 21.35 17.80
N PHE A 300 -1.80 20.24 18.56
CA PHE A 300 -2.94 19.87 19.39
C PHE A 300 -2.64 19.86 20.89
N GLY A 301 -1.38 19.79 21.30
CA GLY A 301 -1.02 19.77 22.70
C GLY A 301 -1.65 20.83 23.58
N PRO A 302 -1.67 22.09 23.14
CA PRO A 302 -2.19 23.15 24.02
C PRO A 302 -3.63 22.93 24.44
N GLU A 303 -4.46 22.33 23.59
CA GLU A 303 -5.85 22.10 23.90
C GLU A 303 -6.14 20.67 24.35
N PHE A 304 -5.31 19.70 23.97
CA PHE A 304 -5.62 18.31 24.24
C PHE A 304 -4.68 17.60 25.18
N GLY A 305 -3.50 18.18 25.47
CA GLY A 305 -2.62 17.62 26.47
C GLY A 305 -1.67 16.57 25.92
N PRO A 306 -1.08 15.80 26.83
CA PRO A 306 0.05 14.93 26.45
C PRO A 306 -0.33 13.79 25.52
N ALA A 307 -1.61 13.42 25.43
CA ALA A 307 -1.99 12.30 24.57
C ALA A 307 -1.92 12.64 23.09
N ALA A 308 -1.82 13.93 22.74
CA ALA A 308 -1.71 14.34 21.34
C ALA A 308 -0.28 14.09 20.86
N LEU A 309 -0.09 12.91 20.26
CA LEU A 309 1.17 12.47 19.68
C LEU A 309 0.86 11.96 18.28
N GLU A 310 1.84 12.02 17.37
CA GLU A 310 1.59 11.64 16.00
C GLU A 310 1.02 10.23 15.88
N GLY A 311 1.60 9.26 16.61
CA GLY A 311 1.11 7.89 16.54
C GLY A 311 -0.33 7.74 16.95
N ASN A 312 -0.86 8.68 17.75
CA ASN A 312 -2.22 8.63 18.24
C ASN A 312 -3.22 9.37 17.37
N MET A 313 -2.80 10.01 16.28
CA MET A 313 -3.72 10.78 15.46
C MET A 313 -4.41 9.85 14.47
N MET A 314 -5.66 9.47 14.79
CA MET A 314 -6.43 8.56 13.97
C MET A 314 -7.20 9.38 12.95
N LEU A 315 -6.47 9.84 11.95
CA LEU A 315 -6.99 10.70 10.91
C LEU A 315 -7.02 9.98 9.57
N LYS A 316 -7.79 10.53 8.64
CA LYS A 316 -7.91 9.99 7.29
C LYS A 316 -6.52 9.68 6.72
N GLY A 317 -6.42 8.57 6.01
CA GLY A 317 -5.13 8.17 5.46
C GLY A 317 -4.33 7.34 6.44
N ARG A 318 -4.02 7.93 7.59
CA ARG A 318 -3.36 7.18 8.66
C ARG A 318 -4.17 5.94 9.02
N THR A 319 -5.51 6.08 9.07
CA THR A 319 -6.33 4.93 9.43
C THR A 319 -6.45 3.93 8.29
N SER A 320 -6.17 4.32 7.05
CA SER A 320 -6.08 3.33 5.98
C SER A 320 -4.81 2.50 6.15
N THR A 321 -3.69 3.15 6.41
CA THR A 321 -2.45 2.41 6.63
C THR A 321 -2.58 1.44 7.80
N LEU A 322 -3.29 1.86 8.85
CA LEU A 322 -3.41 1.05 10.07
C LEU A 322 -4.51 0.01 9.95
N TYR A 323 -5.72 0.42 9.60
CA TYR A 323 -6.85 -0.50 9.65
C TYR A 323 -7.21 -1.09 8.30
N SER A 324 -6.43 -0.78 7.25
CA SER A 324 -6.52 -1.55 6.01
C SER A 324 -5.17 -2.20 5.68
N GLU A 325 -4.15 -1.46 5.25
N GLU A 325 -4.17 -1.44 5.26
CA GLU A 325 -2.93 -2.11 4.75
CA GLU A 325 -2.90 -1.98 4.80
C GLU A 325 -2.29 -3.01 5.81
C GLU A 325 -2.31 -2.95 5.81
N ASN A 326 -2.13 -2.49 7.04
CA ASN A 326 -1.52 -3.33 8.06
C ASN A 326 -2.39 -4.53 8.38
N ALA A 327 -3.71 -4.33 8.39
CA ALA A 327 -4.61 -5.42 8.74
C ALA A 327 -4.61 -6.53 7.69
N LEU A 328 -4.64 -6.18 6.40
CA LEU A 328 -4.64 -7.22 5.38
C LEU A 328 -3.41 -8.09 5.50
N MET A 329 -2.24 -7.46 5.65
CA MET A 329 -0.99 -8.20 5.75
C MET A 329 -0.93 -9.03 7.01
N GLN A 330 -1.33 -8.46 8.16
CA GLN A 330 -1.22 -9.19 9.42
C GLN A 330 -2.25 -10.30 9.54
N LEU A 331 -3.45 -10.12 8.97
CA LEU A 331 -4.42 -11.23 8.98
C LEU A 331 -3.89 -12.42 8.19
N GLN A 332 -3.28 -12.16 7.03
CA GLN A 332 -2.77 -13.28 6.23
C GLN A 332 -1.56 -13.91 6.90
N LEU A 333 -0.65 -13.10 7.42
CA LEU A 333 0.52 -13.64 8.13
C LEU A 333 0.09 -14.44 9.35
N GLY A 334 -0.86 -13.91 10.12
CA GLY A 334 -1.32 -14.62 11.31
C GLY A 334 -1.88 -15.99 10.98
N LYS A 335 -2.64 -16.10 9.88
CA LYS A 335 -3.13 -17.40 9.45
C LYS A 335 -1.98 -18.30 8.99
N ASP A 336 -1.03 -17.74 8.24
CA ASP A 336 0.09 -18.54 7.73
C ASP A 336 0.91 -19.14 8.86
N LEU A 337 1.00 -18.46 10.01
CA LEU A 337 1.85 -18.91 11.10
C LEU A 337 1.21 -19.96 11.98
N GLY A 338 -0.07 -20.25 11.78
CA GLY A 338 -0.74 -21.28 12.53
C GLY A 338 -0.79 -20.94 13.99
N PRO A 339 -0.40 -21.90 14.85
CA PRO A 339 -0.46 -21.65 16.30
C PRO A 339 0.32 -20.42 16.75
N GLN A 340 1.50 -20.16 16.19
CA GLN A 340 2.23 -19.01 16.68
C GLN A 340 1.80 -17.70 16.01
N GLY A 341 0.72 -17.72 15.22
CA GLY A 341 0.12 -16.52 14.68
C GLY A 341 -1.13 -16.06 15.40
N GLN A 342 -1.51 -16.73 16.49
CA GLN A 342 -2.78 -16.38 17.15
C GLN A 342 -2.73 -14.99 17.78
N ASP A 343 -1.58 -14.62 18.38
CA ASP A 343 -1.47 -13.28 18.95
C ASP A 343 -1.61 -12.22 17.86
N LEU A 344 -0.92 -12.39 16.74
CA LEU A 344 -1.04 -11.45 15.63
C LEU A 344 -2.50 -11.31 15.18
N LEU A 345 -3.23 -12.43 15.04
CA LEU A 345 -4.63 -12.34 14.64
C LEU A 345 -5.44 -11.59 15.69
N LYS A 346 -5.19 -11.86 16.97
CA LYS A 346 -5.94 -11.18 18.03
C LYS A 346 -5.64 -9.69 18.04
N TRP A 347 -4.36 -9.31 17.96
CA TRP A 347 -3.99 -7.90 17.88
C TRP A 347 -4.73 -7.21 16.74
N THR A 348 -4.71 -7.84 15.56
CA THR A 348 -5.26 -7.20 14.38
C THR A 348 -6.76 -7.02 14.49
N VAL A 349 -7.48 -8.09 14.86
CA VAL A 349 -8.93 -7.99 14.97
C VAL A 349 -9.33 -7.07 16.11
N ASP A 350 -8.63 -7.13 17.25
CA ASP A 350 -8.93 -6.21 18.36
C ASP A 350 -8.91 -4.76 17.91
N GLY A 351 -7.90 -4.40 17.11
CA GLY A 351 -7.81 -3.02 16.64
C GLY A 351 -8.96 -2.63 15.72
N LEU A 352 -9.32 -3.52 14.79
N LEU A 352 -9.33 -3.52 14.79
CA LEU A 352 -10.46 -3.24 13.92
CA LEU A 352 -10.46 -3.22 13.92
C LEU A 352 -11.74 -3.09 14.73
C LEU A 352 -11.76 -3.11 14.71
N LYS A 353 -11.91 -3.91 15.76
CA LYS A 353 -13.08 -3.76 16.64
C LYS A 353 -13.07 -2.41 17.32
N ALA A 354 -11.91 -1.99 17.85
CA ALA A 354 -11.83 -0.70 18.52
C ALA A 354 -12.16 0.45 17.57
N PHE A 355 -11.62 0.41 16.35
CA PHE A 355 -11.91 1.45 15.36
C PHE A 355 -13.41 1.51 15.05
N ALA A 356 -14.04 0.34 14.90
CA ALA A 356 -15.48 0.32 14.65
C ALA A 356 -16.25 0.88 15.85
N LYS A 357 -15.86 0.48 17.06
CA LYS A 357 -16.59 0.85 18.27
C LYS A 357 -16.56 2.36 18.49
N TYR A 358 -15.42 3.00 18.24
CA TYR A 358 -15.27 4.41 18.54
C TYR A 358 -15.49 5.33 17.35
N ALA A 359 -15.05 4.93 16.16
CA ALA A 359 -15.00 5.88 15.05
C ALA A 359 -16.10 5.71 14.01
N TYR A 360 -16.70 4.51 13.88
CA TYR A 360 -17.64 4.30 12.79
C TYR A 360 -19.01 4.85 13.14
N ASN A 361 -19.59 5.59 12.20
CA ASN A 361 -20.96 6.11 12.30
C ASN A 361 -21.80 5.38 11.26
N ASP A 362 -22.66 4.46 11.70
CA ASP A 362 -23.41 3.65 10.76
C ASP A 362 -24.62 4.37 10.17
N GLN A 363 -24.90 5.60 10.61
CA GLN A 363 -25.99 6.36 9.99
C GLN A 363 -25.58 6.88 8.62
N ASP A 364 -24.29 7.19 8.40
CA ASP A 364 -23.89 7.73 7.11
C ASP A 364 -22.58 7.14 6.61
N ASN A 365 -22.17 5.99 7.15
CA ASN A 365 -20.95 5.29 6.70
C ASN A 365 -19.73 6.20 6.71
N THR A 366 -19.49 6.85 7.86
CA THR A 366 -18.29 7.65 8.01
C THR A 366 -17.46 7.15 9.18
N PHE A 367 -16.18 7.48 9.13
CA PHE A 367 -15.30 7.38 10.29
C PHE A 367 -15.05 8.78 10.84
N ARG A 368 -15.07 8.89 12.16
N ARG A 368 -15.08 8.89 12.16
CA ARG A 368 -14.78 10.17 12.80
CA ARG A 368 -14.76 10.14 12.85
C ARG A 368 -13.28 10.34 12.94
C ARG A 368 -13.25 10.33 12.91
N PRO A 369 -12.73 11.51 12.62
CA PRO A 369 -11.33 11.80 12.96
C PRO A 369 -11.21 11.79 14.47
N MET A 370 -10.14 11.18 14.98
CA MET A 370 -10.03 10.95 16.42
C MET A 370 -8.58 10.99 16.87
N ILE A 371 -8.41 11.19 18.19
CA ILE A 371 -7.18 10.85 18.88
C ILE A 371 -7.39 9.49 19.55
N ALA A 372 -6.31 8.72 19.68
CA ALA A 372 -6.44 7.34 20.14
C ALA A 372 -6.90 7.23 21.59
N ASN A 373 -6.86 8.32 22.36
CA ASN A 373 -7.43 8.27 23.70
C ASN A 373 -8.96 8.24 23.69
N GLY A 374 -9.58 8.29 22.52
CA GLY A 374 -11.03 8.30 22.40
C GLY A 374 -11.62 9.65 22.05
N GLN A 375 -10.78 10.67 21.93
CA GLN A 375 -11.26 12.02 21.63
C GLN A 375 -11.83 12.12 20.23
N ASP A 376 -13.07 12.55 20.13
CA ASP A 376 -13.70 12.86 18.85
C ASP A 376 -13.21 14.21 18.35
N LEU A 377 -12.71 14.25 17.12
CA LEU A 377 -12.30 15.51 16.49
C LEU A 377 -13.25 15.95 15.39
N SER A 378 -14.43 15.33 15.30
CA SER A 378 -15.38 15.67 14.24
C SER A 378 -15.72 17.15 14.26
N ASN A 379 -15.54 17.79 13.11
CA ASN A 379 -15.86 19.20 12.88
C ASN A 379 -14.99 20.15 13.69
N TYR A 380 -13.83 19.69 14.15
CA TYR A 380 -12.92 20.54 14.90
C TYR A 380 -12.19 21.47 13.96
N THR A 381 -12.13 22.76 14.31
CA THR A 381 -11.39 23.75 13.55
C THR A 381 -9.97 23.89 14.11
N LEU A 382 -8.96 23.67 13.26
CA LEU A 382 -7.58 23.79 13.71
C LEU A 382 -7.29 25.24 14.11
N PRO A 383 -6.78 25.49 15.32
CA PRO A 383 -6.59 26.86 15.79
C PRO A 383 -5.26 27.48 15.43
N ARG A 384 -4.35 26.70 14.83
CA ARG A 384 -3.04 27.19 14.41
C ARG A 384 -2.57 26.33 13.26
N ASP A 385 -1.64 26.86 12.47
CA ASP A 385 -0.98 26.08 11.42
C ASP A 385 -0.19 24.93 12.04
N GLY A 386 0.04 23.91 11.23
CA GLY A 386 0.82 22.78 11.69
C GLY A 386 0.76 21.66 10.68
N TYR A 387 1.29 20.51 11.11
CA TYR A 387 1.48 19.36 10.22
C TYR A 387 0.16 18.83 9.67
N TYR A 388 -0.95 19.04 10.38
CA TYR A 388 -2.22 18.44 10.01
C TYR A 388 -3.15 19.42 9.31
N GLY A 389 -2.65 20.62 8.98
CA GLY A 389 -3.43 21.55 8.18
C GLY A 389 -3.21 22.99 8.61
N LYS A 390 -3.64 23.91 7.76
CA LYS A 390 -3.56 25.32 8.10
C LYS A 390 -4.62 25.67 9.14
N LYS A 391 -4.36 26.74 9.88
CA LYS A 391 -5.37 27.30 10.76
C LYS A 391 -6.65 27.55 9.97
N GLY A 392 -7.76 27.15 10.57
CA GLY A 392 -9.06 27.24 9.93
C GLY A 392 -9.52 25.99 9.23
N THR A 393 -8.61 25.04 8.98
CA THR A 393 -8.99 23.73 8.49
C THR A 393 -9.98 23.07 9.45
N VAL A 394 -11.00 22.42 8.90
CA VAL A 394 -11.98 21.69 9.69
C VAL A 394 -11.80 20.20 9.43
N LEU A 395 -11.57 19.43 10.48
CA LEU A 395 -11.50 17.97 10.37
C LEU A 395 -12.92 17.41 10.34
N LYS A 396 -13.26 16.73 9.28
CA LYS A 396 -14.62 16.25 9.13
C LYS A 396 -14.66 14.72 9.14
N PRO A 397 -15.78 14.12 9.55
CA PRO A 397 -15.96 12.69 9.30
C PRO A 397 -15.77 12.40 7.82
N TYR A 398 -15.21 11.23 7.51
CA TYR A 398 -14.88 10.90 6.14
C TYR A 398 -15.49 9.55 5.78
N LYS A 399 -15.92 9.42 4.53
CA LYS A 399 -16.61 8.21 4.11
C LYS A 399 -15.69 7.01 4.18
N ALA A 400 -16.25 5.90 4.66
CA ALA A 400 -15.50 4.65 4.72
C ALA A 400 -15.49 3.99 3.35
N GLY A 401 -14.30 3.85 2.76
CA GLY A 401 -14.18 3.34 1.40
C GLY A 401 -14.04 1.83 1.37
N ASN A 402 -13.96 1.33 0.14
CA ASN A 402 -14.03 -0.12 -0.07
C ASN A 402 -12.78 -0.84 0.43
N GLU A 403 -11.67 -0.14 0.62
N GLU A 403 -11.66 -0.14 0.61
CA GLU A 403 -10.52 -0.80 1.24
CA GLU A 403 -10.51 -0.77 1.25
C GLU A 403 -10.85 -1.25 2.66
C GLU A 403 -10.87 -1.26 2.64
N PHE A 404 -11.81 -0.59 3.31
CA PHE A 404 -12.23 -1.03 4.63
C PHE A 404 -13.26 -2.14 4.55
N LEU A 405 -14.01 -2.20 3.45
CA LEU A 405 -14.89 -3.35 3.24
C LEU A 405 -14.07 -4.64 3.20
N ILE A 406 -12.89 -4.59 2.57
CA ILE A 406 -12.02 -5.77 2.52
C ILE A 406 -11.54 -6.12 3.92
N SER A 407 -10.98 -5.16 4.66
CA SER A 407 -10.40 -5.55 5.92
C SER A 407 -11.47 -6.00 6.91
N TYR A 408 -12.66 -5.39 6.89
CA TYR A 408 -13.70 -5.84 7.82
C TYR A 408 -14.30 -7.18 7.38
N ALA A 409 -14.41 -7.41 6.07
CA ALA A 409 -14.84 -8.74 5.61
C ALA A 409 -13.86 -9.82 6.05
N ARG A 410 -12.56 -9.58 5.88
CA ARG A 410 -11.57 -10.59 6.23
C ARG A 410 -11.47 -10.80 7.73
N ALA A 411 -11.67 -9.73 8.52
CA ALA A 411 -11.63 -9.89 9.97
C ALA A 411 -12.84 -10.68 10.45
N TYR A 412 -14.01 -10.40 9.87
CA TYR A 412 -15.21 -11.15 10.22
C TYR A 412 -15.05 -12.64 9.93
N ALA A 413 -14.36 -12.97 8.83
CA ALA A 413 -14.13 -14.38 8.50
C ALA A 413 -13.38 -15.10 9.62
N ILE A 414 -12.49 -14.39 10.31
CA ILE A 414 -11.71 -14.95 11.40
C ILE A 414 -12.48 -14.90 12.72
N ASP A 415 -13.32 -13.88 12.91
CA ASP A 415 -14.05 -13.66 14.16
C ASP A 415 -15.42 -13.11 13.77
N ASN A 416 -16.44 -13.98 13.80
CA ASN A 416 -17.79 -13.65 13.34
C ASN A 416 -18.49 -12.67 14.27
N ASP A 417 -17.89 -11.50 14.50
CA ASP A 417 -18.42 -10.52 15.43
C ASP A 417 -19.42 -9.61 14.71
N PRO A 418 -20.66 -9.49 15.21
CA PRO A 418 -21.64 -8.61 14.55
C PRO A 418 -21.16 -7.17 14.42
N LEU A 419 -20.29 -6.69 15.31
CA LEU A 419 -19.74 -5.35 15.16
C LEU A 419 -18.96 -5.22 13.87
N LEU A 420 -18.12 -6.23 13.55
CA LEU A 420 -17.39 -6.19 12.30
C LEU A 420 -18.34 -6.27 11.10
N TRP A 421 -19.38 -7.10 11.19
CA TRP A 421 -20.34 -7.20 10.10
C TRP A 421 -21.05 -5.88 9.86
N LYS A 422 -21.36 -5.14 10.95
CA LYS A 422 -22.06 -3.87 10.82
C LYS A 422 -21.29 -2.88 9.94
N VAL A 423 -19.96 -2.84 10.09
CA VAL A 423 -19.16 -1.94 9.27
C VAL A 423 -19.18 -2.39 7.82
N ALA A 424 -18.97 -3.68 7.58
CA ALA A 424 -19.02 -4.20 6.22
C ALA A 424 -20.37 -3.90 5.57
N ARG A 425 -21.45 -4.13 6.30
CA ARG A 425 -22.79 -3.91 5.77
C ARG A 425 -23.04 -2.43 5.48
N GLY A 426 -22.55 -1.55 6.35
CA GLY A 426 -22.73 -0.13 6.11
C GLY A 426 -21.95 0.37 4.90
N ILE A 427 -20.73 -0.11 4.72
CA ILE A 427 -19.95 0.30 3.56
C ILE A 427 -20.61 -0.17 2.27
N ALA A 428 -20.99 -1.45 2.24
CA ALA A 428 -21.60 -1.99 1.02
C ALA A 428 -22.87 -1.22 0.66
N ASN A 429 -23.69 -0.90 1.65
CA ASN A 429 -24.90 -0.13 1.39
C ASN A 429 -24.57 1.24 0.82
N ASP A 430 -23.63 1.94 1.46
CA ASP A 430 -23.24 3.28 1.00
C ASP A 430 -22.67 3.25 -0.41
N GLN A 431 -22.04 2.15 -0.82
CA GLN A 431 -21.39 2.01 -2.11
C GLN A 431 -22.34 1.57 -3.22
N GLY A 432 -23.64 1.47 -2.93
CA GLY A 432 -24.58 1.09 -3.97
C GLY A 432 -24.65 -0.39 -4.24
N LEU A 433 -24.16 -1.22 -3.33
CA LEU A 433 -24.16 -2.66 -3.52
C LEU A 433 -25.38 -3.33 -2.91
N GLY A 434 -26.26 -2.58 -2.27
CA GLY A 434 -27.42 -3.16 -1.62
C GLY A 434 -27.09 -3.62 -0.21
N ASP A 435 -27.92 -4.55 0.26
CA ASP A 435 -27.85 -5.03 1.64
C ASP A 435 -27.25 -6.44 1.63
N ILE A 436 -26.03 -6.58 2.15
CA ILE A 436 -25.42 -7.90 2.25
C ILE A 436 -26.04 -8.75 3.34
N GLY A 437 -27.05 -8.25 4.05
CA GLY A 437 -27.78 -9.04 5.02
C GLY A 437 -27.53 -8.58 6.45
N THR A 438 -28.42 -9.03 7.35
CA THR A 438 -28.21 -8.81 8.77
C THR A 438 -27.10 -9.68 9.32
N ALA A 439 -26.79 -10.75 8.61
CA ALA A 439 -25.65 -11.62 8.84
C ALA A 439 -25.37 -12.33 7.52
N PRO A 440 -24.20 -12.98 7.37
CA PRO A 440 -23.95 -13.67 6.11
C PRO A 440 -25.09 -14.62 5.76
N GLY A 441 -25.68 -14.45 4.59
CA GLY A 441 -26.74 -15.33 4.13
C GLY A 441 -28.11 -15.09 4.73
N LYS A 442 -28.25 -14.11 5.61
CA LYS A 442 -29.52 -13.83 6.28
C LYS A 442 -30.11 -12.54 5.75
N GLU A 443 -31.27 -12.64 5.09
CA GLU A 443 -32.00 -11.48 4.55
C GLU A 443 -31.10 -10.67 3.61
N VAL A 444 -30.44 -11.38 2.69
CA VAL A 444 -29.57 -10.74 1.71
C VAL A 444 -30.42 -10.08 0.64
N LYS A 445 -30.06 -8.86 0.28
CA LYS A 445 -30.76 -8.08 -0.74
C LYS A 445 -29.75 -7.23 -1.49
N VAL A 446 -28.82 -7.90 -2.19
CA VAL A 446 -27.80 -7.15 -2.92
C VAL A 446 -28.39 -6.54 -4.18
N ASN A 447 -27.72 -5.50 -4.67
CA ASN A 447 -28.19 -4.71 -5.81
C ASN A 447 -27.52 -5.25 -7.07
N MET A 448 -28.21 -6.19 -7.73
N MET A 448 -28.20 -6.20 -7.73
CA MET A 448 -27.65 -6.79 -8.94
CA MET A 448 -27.66 -6.79 -8.95
C MET A 448 -27.63 -5.84 -10.12
C MET A 448 -27.59 -5.82 -10.11
N ASP A 449 -28.23 -4.65 -9.99
CA ASP A 449 -28.16 -3.61 -11.00
C ASP A 449 -27.16 -2.51 -10.64
N THR A 450 -26.26 -2.80 -9.70
CA THR A 450 -25.30 -1.79 -9.28
C THR A 450 -24.46 -1.32 -10.47
N THR A 451 -24.05 -0.05 -10.41
CA THR A 451 -23.09 0.49 -11.37
C THR A 451 -21.69 0.52 -10.80
N ASN A 452 -21.48 -0.01 -9.61
CA ASN A 452 -20.18 0.03 -8.97
C ASN A 452 -19.14 -0.68 -9.83
N SER A 453 -18.00 -0.03 -10.04
CA SER A 453 -16.92 -0.61 -10.82
C SER A 453 -15.61 -0.57 -10.05
N ASP A 454 -15.67 -0.59 -8.73
CA ASP A 454 -14.48 -0.46 -7.90
C ASP A 454 -13.83 -1.83 -7.70
N PRO A 455 -12.60 -2.05 -8.16
CA PRO A 455 -11.97 -3.36 -7.90
C PRO A 455 -11.88 -3.71 -6.44
N TYR A 456 -11.79 -2.71 -5.53
CA TYR A 456 -11.78 -3.02 -4.10
C TYR A 456 -13.09 -3.66 -3.67
N ALA A 457 -14.22 -3.19 -4.21
CA ALA A 457 -15.50 -3.81 -3.90
C ALA A 457 -15.55 -5.24 -4.42
N LEU A 458 -15.01 -5.47 -5.61
CA LEU A 458 -14.96 -6.84 -6.15
C LEU A 458 -14.15 -7.75 -5.22
N PHE A 459 -12.95 -7.31 -4.84
CA PHE A 459 -12.15 -8.11 -3.91
C PHE A 459 -12.92 -8.44 -2.65
N ALA A 460 -13.56 -7.43 -2.04
CA ALA A 460 -14.23 -7.64 -0.77
C ALA A 460 -15.39 -8.62 -0.90
N LEU A 461 -16.13 -8.55 -2.01
CA LEU A 461 -17.23 -9.47 -2.20
C LEU A 461 -16.75 -10.90 -2.38
N LEU A 462 -15.59 -11.09 -3.03
CA LEU A 462 -14.99 -12.42 -3.10
C LEU A 462 -14.62 -12.92 -1.71
N ASP A 463 -14.16 -12.03 -0.82
CA ASP A 463 -13.85 -12.43 0.54
C ASP A 463 -15.12 -12.80 1.30
N LEU A 464 -16.19 -12.02 1.13
CA LEU A 464 -17.44 -12.37 1.78
C LEU A 464 -17.95 -13.70 1.26
N TYR A 465 -17.82 -13.92 -0.04
CA TYR A 465 -18.27 -15.19 -0.63
C TYR A 465 -17.43 -16.36 -0.12
N HIS A 466 -16.11 -16.20 -0.09
CA HIS A 466 -15.27 -17.33 0.27
C HIS A 466 -15.60 -17.85 1.66
N ALA A 467 -15.81 -16.94 2.61
CA ALA A 467 -16.06 -17.36 3.99
C ALA A 467 -17.47 -17.88 4.20
N SER A 468 -18.45 -17.30 3.51
CA SER A 468 -19.86 -17.59 3.75
C SER A 468 -20.43 -18.61 2.78
N GLN A 469 -19.85 -18.74 1.58
CA GLN A 469 -20.38 -19.58 0.51
C GLN A 469 -21.79 -19.17 0.11
N VAL A 470 -22.10 -17.87 0.21
CA VAL A 470 -23.39 -17.33 -0.18
C VAL A 470 -23.29 -16.87 -1.63
N ALA A 471 -24.02 -17.56 -2.53
CA ALA A 471 -23.86 -17.36 -3.97
C ALA A 471 -24.06 -15.91 -4.38
N ASP A 472 -24.99 -15.21 -3.73
CA ASP A 472 -25.33 -13.84 -4.15
C ASP A 472 -24.12 -12.92 -4.06
N TYR A 473 -23.17 -13.20 -3.15
CA TYR A 473 -22.01 -12.31 -3.05
C TYR A 473 -21.10 -12.45 -4.27
N ARG A 474 -20.92 -13.67 -4.78
CA ARG A 474 -20.11 -13.80 -5.98
C ARG A 474 -20.87 -13.38 -7.23
N LYS A 475 -22.19 -13.58 -7.27
CA LYS A 475 -22.96 -13.06 -8.40
C LYS A 475 -22.83 -11.55 -8.48
N LEU A 476 -22.86 -10.87 -7.33
CA LEU A 476 -22.64 -9.43 -7.31
C LEU A 476 -21.22 -9.09 -7.74
N ALA A 477 -20.23 -9.88 -7.31
CA ALA A 477 -18.87 -9.66 -7.75
C ALA A 477 -18.75 -9.78 -9.27
N GLU A 478 -19.49 -10.72 -9.88
CA GLU A 478 -19.49 -10.83 -11.33
C GLU A 478 -20.03 -9.56 -11.98
N LYS A 479 -21.07 -8.96 -11.39
CA LYS A 479 -21.60 -7.71 -11.91
C LYS A 479 -20.56 -6.60 -11.85
N ILE A 480 -19.83 -6.50 -10.72
CA ILE A 480 -18.79 -5.48 -10.61
C ILE A 480 -17.71 -5.72 -11.64
N GLY A 481 -17.33 -6.98 -11.85
CA GLY A 481 -16.35 -7.29 -12.88
C GLY A 481 -16.82 -6.87 -14.26
N ASP A 482 -18.10 -7.10 -14.57
CA ASP A 482 -18.60 -6.67 -15.86
C ASP A 482 -18.61 -5.14 -15.97
N ASN A 483 -18.91 -4.46 -14.87
CA ASN A 483 -18.87 -2.99 -14.88
C ASN A 483 -17.44 -2.49 -15.10
N ILE A 484 -16.46 -3.15 -14.47
CA ILE A 484 -15.06 -2.78 -14.67
C ILE A 484 -14.69 -2.86 -16.16
N ILE A 485 -15.07 -3.96 -16.80
CA ILE A 485 -14.76 -4.13 -18.22
C ILE A 485 -15.53 -3.11 -19.06
N LYS A 486 -16.80 -2.89 -18.72
CA LYS A 486 -17.64 -1.97 -19.50
C LYS A 486 -17.13 -0.54 -19.42
N THR A 487 -16.75 -0.07 -18.22
CA THR A 487 -16.48 1.35 -18.03
C THR A 487 -15.02 1.72 -17.81
N ARG A 488 -14.15 0.76 -17.46
CA ARG A 488 -12.76 1.10 -17.20
C ARG A 488 -11.77 0.48 -18.18
N TYR A 489 -12.20 -0.44 -19.05
CA TYR A 489 -11.31 -1.01 -20.07
C TYR A 489 -11.44 -0.12 -21.30
N ILE A 490 -10.45 0.75 -21.51
CA ILE A 490 -10.52 1.82 -22.50
C ILE A 490 -9.22 1.87 -23.27
N ASP A 491 -9.31 1.84 -24.60
CA ASP A 491 -8.13 1.86 -25.47
C ASP A 491 -7.11 0.80 -25.06
N GLY A 492 -7.59 -0.35 -24.59
CA GLY A 492 -6.71 -1.47 -24.27
C GLY A 492 -6.08 -1.43 -22.90
N PHE A 493 -6.36 -0.42 -22.10
CA PHE A 493 -5.80 -0.27 -20.75
C PHE A 493 -6.95 -0.12 -19.76
N PHE A 494 -6.61 -0.14 -18.47
CA PHE A 494 -7.59 0.11 -17.42
C PHE A 494 -7.37 1.50 -16.84
N MET A 495 -8.43 2.29 -16.80
N MET A 495 -8.43 2.29 -16.80
CA MET A 495 -8.34 3.67 -16.36
CA MET A 495 -8.33 3.66 -16.35
C MET A 495 -9.48 4.01 -15.41
C MET A 495 -9.48 3.99 -15.40
N ALA A 496 -9.17 4.83 -14.41
CA ALA A 496 -10.18 5.21 -13.41
C ALA A 496 -11.24 6.13 -14.00
N SER A 497 -10.92 6.85 -15.08
CA SER A 497 -11.86 7.70 -15.79
C SER A 497 -11.46 7.73 -17.24
N PRO A 498 -12.41 7.84 -18.17
CA PRO A 498 -12.05 7.94 -19.59
C PRO A 498 -11.27 9.20 -19.92
N ASP A 499 -11.25 10.19 -19.03
CA ASP A 499 -10.54 11.43 -19.29
C ASP A 499 -9.10 11.44 -18.79
N ARG A 500 -8.65 10.40 -18.08
CA ARG A 500 -7.29 10.40 -17.56
CA ARG A 500 -7.29 10.40 -17.56
C ARG A 500 -6.28 10.40 -18.70
N GLN A 501 -5.20 11.16 -18.52
CA GLN A 501 -4.16 11.23 -19.53
C GLN A 501 -3.40 9.92 -19.65
N TYR A 502 -3.00 9.33 -18.52
CA TYR A 502 -2.14 8.15 -18.51
C TYR A 502 -2.81 7.01 -17.77
N ALA A 503 -2.64 5.81 -18.31
CA ALA A 503 -3.01 4.60 -17.62
C ALA A 503 -1.80 4.05 -16.85
N ASP A 504 -2.08 3.50 -15.67
CA ASP A 504 -1.07 2.93 -14.80
C ASP A 504 -0.99 1.42 -15.07
N VAL A 505 0.19 0.93 -15.47
CA VAL A 505 0.32 -0.50 -15.73
C VAL A 505 0.16 -1.34 -14.46
N ASP A 506 0.20 -0.71 -13.28
CA ASP A 506 -0.01 -1.39 -12.02
C ASP A 506 -1.48 -1.41 -11.59
N ALA A 507 -2.40 -1.05 -12.49
CA ALA A 507 -3.82 -1.00 -12.15
C ALA A 507 -4.30 -2.33 -11.56
N ILE A 508 -5.18 -2.24 -10.56
CA ILE A 508 -5.63 -3.46 -9.88
C ILE A 508 -6.96 -3.97 -10.44
N GLU A 509 -7.58 -3.25 -11.37
CA GLU A 509 -8.74 -3.80 -12.08
C GLU A 509 -8.48 -5.21 -12.61
N PRO A 510 -7.39 -5.48 -13.36
CA PRO A 510 -7.19 -6.85 -13.86
C PRO A 510 -6.88 -7.85 -12.76
N TYR A 511 -6.30 -7.38 -11.65
CA TYR A 511 -6.04 -8.24 -10.51
C TYR A 511 -7.36 -8.73 -9.91
N ALA A 512 -8.32 -7.81 -9.70
CA ALA A 512 -9.65 -8.22 -9.23
C ALA A 512 -10.32 -9.18 -10.20
N LEU A 513 -10.23 -8.89 -11.51
CA LEU A 513 -10.83 -9.79 -12.49
C LEU A 513 -10.24 -11.18 -12.43
N LEU A 514 -8.91 -11.28 -12.24
CA LEU A 514 -8.27 -12.59 -12.14
C LEU A 514 -8.69 -13.31 -10.87
N ALA A 515 -8.79 -12.58 -9.76
CA ALA A 515 -9.26 -13.20 -8.53
C ALA A 515 -10.67 -13.75 -8.71
N LEU A 516 -11.52 -13.02 -9.43
CA LEU A 516 -12.87 -13.50 -9.71
C LEU A 516 -12.82 -14.78 -10.54
N GLU A 517 -12.00 -14.79 -11.60
CA GLU A 517 -11.87 -15.99 -12.42
C GLU A 517 -11.32 -17.16 -11.62
N ALA A 518 -10.32 -16.90 -10.78
CA ALA A 518 -9.77 -17.97 -9.94
C ALA A 518 -10.83 -18.56 -9.02
N SER A 519 -11.70 -17.72 -8.47
CA SER A 519 -12.79 -18.23 -7.64
C SER A 519 -13.73 -19.11 -8.44
N LEU A 520 -14.19 -18.61 -9.60
CA LEU A 520 -15.13 -19.36 -10.43
C LEU A 520 -14.55 -20.69 -10.91
N ARG A 521 -13.24 -20.74 -11.11
CA ARG A 521 -12.57 -21.94 -11.59
C ARG A 521 -12.11 -22.85 -10.45
N ASN A 522 -12.44 -22.51 -9.21
CA ASN A 522 -12.05 -23.28 -8.03
C ASN A 522 -10.53 -23.43 -7.95
N LYS A 523 -9.83 -22.33 -8.22
CA LYS A 523 -8.36 -22.28 -8.09
C LYS A 523 -7.94 -20.97 -7.45
N PRO A 524 -8.46 -20.65 -6.25
CA PRO A 524 -8.12 -19.35 -5.66
C PRO A 524 -6.62 -19.16 -5.44
N GLN A 525 -5.88 -20.24 -5.18
CA GLN A 525 -4.43 -20.17 -5.01
C GLN A 525 -3.68 -19.85 -6.30
N ALA A 526 -4.36 -19.76 -7.45
CA ALA A 526 -3.69 -19.37 -8.68
C ALA A 526 -3.28 -17.90 -8.69
N VAL A 527 -3.83 -17.08 -7.81
CA VAL A 527 -3.62 -15.64 -7.79
C VAL A 527 -3.15 -15.23 -6.41
N ALA A 528 -2.06 -14.47 -6.33
CA ALA A 528 -1.49 -14.08 -5.05
C ALA A 528 -2.52 -13.33 -4.18
N PRO A 529 -2.45 -13.48 -2.86
CA PRO A 529 -3.39 -12.76 -2.00
C PRO A 529 -3.23 -11.26 -2.14
N PHE A 530 -4.37 -10.56 -2.22
CA PHE A 530 -4.35 -9.11 -2.41
C PHE A 530 -4.14 -8.40 -1.07
N LEU A 531 -3.04 -7.65 -0.97
CA LEU A 531 -2.70 -6.91 0.24
C LEU A 531 -2.78 -5.40 0.06
N ASN A 532 -3.23 -4.93 -1.11
CA ASN A 532 -3.40 -3.50 -1.39
C ASN A 532 -2.06 -2.75 -1.30
N GLY A 533 -1.01 -3.35 -1.85
CA GLY A 533 0.23 -2.62 -2.03
C GLY A 533 0.18 -1.75 -3.26
N ALA A 534 1.07 -0.75 -3.30
CA ALA A 534 1.24 0.06 -4.49
C ALA A 534 2.57 0.79 -4.37
N GLY A 535 3.04 1.35 -5.49
CA GLY A 535 4.28 2.09 -5.52
C GLY A 535 4.03 3.56 -5.79
N PHE A 536 5.07 4.35 -5.54
CA PHE A 536 5.03 5.78 -5.84
C PHE A 536 6.45 6.28 -6.04
N THR A 537 6.54 7.43 -6.68
CA THR A 537 7.80 8.12 -6.97
C THR A 537 7.61 9.59 -6.60
N GLU A 538 8.55 10.15 -5.85
CA GLU A 538 8.43 11.51 -5.30
C GLU A 538 9.73 12.27 -5.43
N GLY A 539 9.66 13.51 -5.90
CA GLY A 539 10.84 14.34 -6.01
C GLY A 539 10.50 15.65 -6.67
N ALA A 540 11.53 16.41 -7.01
CA ALA A 540 11.32 17.65 -7.74
C ALA A 540 11.05 17.35 -9.21
N TYR A 541 10.10 18.09 -9.78
CA TYR A 541 9.69 17.93 -11.17
C TYR A 541 9.69 19.29 -11.82
N ARG A 542 10.24 19.38 -13.03
CA ARG A 542 10.46 20.66 -13.69
C ARG A 542 9.20 21.13 -14.41
N MET A 543 8.78 22.35 -14.09
CA MET A 543 7.64 22.96 -14.74
C MET A 543 8.04 23.59 -16.07
N ASP A 544 7.04 23.92 -16.88
CA ASP A 544 7.30 24.44 -18.22
C ASP A 544 8.07 25.75 -18.19
N ASP A 545 7.85 26.57 -17.16
CA ASP A 545 8.63 27.79 -17.02
C ASP A 545 10.02 27.55 -16.45
N GLY A 546 10.42 26.28 -16.27
CA GLY A 546 11.73 25.95 -15.79
C GLY A 546 11.85 25.87 -14.28
N SER A 547 10.83 26.31 -13.54
CA SER A 547 10.90 26.26 -12.09
C SER A 547 10.72 24.83 -11.59
N ALA A 548 11.16 24.61 -10.35
CA ALA A 548 11.09 23.29 -9.74
C ALA A 548 9.80 23.16 -8.92
N ARG A 549 9.05 22.09 -9.15
CA ARG A 549 7.88 21.77 -8.34
C ARG A 549 8.32 20.71 -7.35
N VAL A 550 8.59 21.11 -6.11
CA VAL A 550 9.11 20.17 -5.12
C VAL A 550 8.00 19.24 -4.66
N SER A 551 8.40 18.05 -4.19
CA SER A 551 7.47 17.05 -3.65
C SER A 551 6.38 16.68 -4.66
N THR A 552 6.75 16.58 -5.94
CA THR A 552 5.83 16.06 -6.94
C THR A 552 5.80 14.54 -6.84
N ARG A 553 4.62 13.94 -7.03
CA ARG A 553 4.48 12.50 -6.99
C ARG A 553 3.89 12.00 -8.31
N ASP A 554 4.32 10.80 -8.72
CA ASP A 554 3.70 10.21 -9.90
C ASP A 554 2.20 10.01 -9.70
N ASN A 555 1.75 9.84 -8.44
CA ASN A 555 0.31 9.78 -8.18
C ASN A 555 -0.40 10.99 -8.76
N GLU A 556 0.24 12.17 -8.66
CA GLU A 556 -0.36 13.38 -9.19
C GLU A 556 -0.44 13.33 -10.71
N LEU A 557 0.60 12.81 -11.36
CA LEU A 557 0.57 12.68 -12.81
C LEU A 557 -0.55 11.76 -13.27
N PHE A 558 -0.81 10.69 -12.52
CA PHE A 558 -1.88 9.77 -12.89
C PHE A 558 -3.27 10.33 -12.59
N LEU A 559 -3.38 11.44 -11.85
CA LEU A 559 -4.68 12.06 -11.64
C LEU A 559 -5.02 13.08 -12.71
N LEU A 560 -4.06 13.48 -13.54
CA LEU A 560 -4.34 14.48 -14.56
C LEU A 560 -5.28 13.93 -15.61
N ASN A 561 -6.21 14.79 -16.06
CA ASN A 561 -7.02 14.52 -17.23
C ASN A 561 -6.40 15.20 -18.45
N VAL A 562 -6.90 14.86 -19.63
CA VAL A 562 -6.39 15.48 -20.86
C VAL A 562 -6.54 17.00 -20.75
N GLY A 563 -5.50 17.72 -21.11
CA GLY A 563 -5.54 19.18 -21.04
C GLY A 563 -5.14 19.77 -19.71
N GLU A 564 -4.90 18.95 -18.70
CA GLU A 564 -4.54 19.44 -17.37
C GLU A 564 -3.05 19.36 -17.15
N LYS A 565 -2.54 20.29 -16.34
CA LYS A 565 -1.14 20.32 -15.96
C LYS A 565 -1.03 20.42 -14.45
N LEU A 566 0.11 19.99 -13.92
CA LEU A 566 0.36 20.12 -12.50
C LEU A 566 0.28 21.58 -12.06
N GLN A 567 -0.40 21.82 -10.94
CA GLN A 567 -0.51 23.14 -10.34
C GLN A 567 0.51 23.31 -9.22
N PRO A 568 1.18 24.46 -9.13
CA PRO A 568 2.14 24.77 -8.05
C PRO A 568 1.59 24.53 -6.65
C1 GTR B . 17.81 15.63 6.70
C2 GTR B . 16.59 16.52 6.53
C3 GTR B . 16.06 16.86 7.90
C4 GTR B . 15.67 15.56 8.60
C5 GTR B . 16.92 14.68 8.72
C6 GTR B . 16.56 13.36 9.42
O1 GTR B . 18.33 15.29 5.40
O2 GTR B . 16.93 17.73 5.85
O3 GTR B . 14.91 17.73 7.77
O4 GTR B . 14.66 14.87 7.81
O5 GTR B . 17.46 14.42 7.40
O6A GTR B . 16.96 12.31 8.87
O6B GTR B . 15.89 13.43 10.47
C1 ADA B . 13.47 14.33 8.25
C2 ADA B . 12.86 13.39 7.23
C3 ADA B . 12.58 14.13 5.93
C4 ADA B . 11.59 15.30 6.21
C5 ADA B . 12.24 16.13 7.31
C6 ADA B . 11.26 17.22 7.68
O2 ADA B . 13.78 12.30 6.99
O3 ADA B . 12.03 13.16 5.01
O4 ADA B . 10.38 14.77 6.74
O5 ADA B . 12.53 15.39 8.50
O6B ADA B . 11.02 18.11 6.84
O6A ADA B . 10.70 17.04 8.79
C1 ADA B . 9.24 15.12 5.92
C2 ADA B . 8.04 15.15 6.86
C3 ADA B . 7.92 13.77 7.44
C4 ADA B . 7.69 12.83 6.29
C5 ADA B . 8.97 12.82 5.40
C6 ADA B . 8.89 11.86 4.22
O2 ADA B . 8.29 16.07 7.92
O3 ADA B . 6.78 13.69 8.30
O4 ADA B . 6.45 13.22 5.60
O5 ADA B . 9.11 14.17 4.85
O6B ADA B . 9.05 12.29 3.06
O6A ADA B . 8.72 10.66 4.55
C1 ADA B . 5.93 12.42 4.52
C2 ADA B . 4.71 13.14 3.89
C3 ADA B . 3.60 13.21 4.91
C4 ADA B . 3.24 11.79 5.30
C5 ADA B . 4.47 11.09 5.88
C6 ADA B . 4.13 9.65 6.23
O2 ADA B . 5.11 14.46 3.50
O3 ADA B . 2.47 13.86 4.36
O4 ADA B . 2.79 11.10 4.11
O5 ADA B . 5.54 11.08 4.92
O6B ADA B . 3.29 9.48 7.13
O6A ADA B . 4.71 8.74 5.57
C1 ADA B . 1.58 10.32 4.33
C2 ADA B . 1.36 9.37 3.14
C3 ADA B . 1.15 10.18 1.88
C4 ADA B . -0.07 11.06 2.08
C5 ADA B . 0.16 11.96 3.29
C6 ADA B . -1.07 12.83 3.54
O2 ADA B . 2.54 8.56 2.98
O3 ADA B . 0.91 9.28 0.79
O4 ADA B . -1.21 10.21 2.34
O5 ADA B . 0.43 11.17 4.47
O6B ADA B . -1.38 13.63 2.65
O6A ADA B . -1.64 12.68 4.64
C1 EDO C . -29.53 -0.81 4.83
O1 EDO C . -29.84 -1.52 3.62
C2 EDO C . -28.29 -1.43 5.47
O2 EDO C . -27.83 -0.59 6.53
C1 EDO D . 4.97 -16.92 -7.92
O1 EDO D . 4.31 -16.92 -9.18
C2 EDO D . 6.22 -17.78 -8.06
O2 EDO D . 6.94 -17.31 -9.20
C1 EDO E . 8.34 -22.03 6.31
O1 EDO E . 9.43 -21.43 7.03
C2 EDO E . 7.04 -21.34 6.71
O2 EDO E . 6.20 -21.24 5.56
#